data_9GBY
#
_entry.id   9GBY
#
_cell.length_a   90.570
_cell.length_b   75.370
_cell.length_c   37.430
_cell.angle_alpha   90.000
_cell.angle_beta   104.799
_cell.angle_gamma   90.000
#
_symmetry.space_group_name_H-M   'C 1 2 1'
#
loop_
_entity.id
_entity.type
_entity.pdbx_description
1 polymer '2-C-methyl-D-erythritol 4-phosphate cytidylyltransferase'
2 non-polymer 'POTASSIUM ION'
3 water water
#
_entity_poly.entity_id   1
_entity_poly.type   'polypeptide(L)'
_entity_poly.pdbx_seq_one_letter_code
;MGSSHHHHHHSSGLVPRGSHMTTSDLPAFWTVIPAAGVGSRMRADRPKQYLDLAGRTVIERTLDCFLEHPMLRGLVVCLA
EDDPYWPGLDCAASRHVQRAAGGAERAGSVLNGLLRLLELGAQADDWVLVHDAARPNLTRGDLDRLLEELAEDPVGGLLA
VPARDTLKRSDRDGRVSETIDRSVVWLAYTPQMFRLGALHRALADALVAGVAITDEASAMEWAGYAPKLVEGRADNLKIT
TPEDLLRLQRSFPHLE
;
_entity_poly.pdbx_strand_id   A
#
loop_
_chem_comp.id
_chem_comp.type
_chem_comp.name
_chem_comp.formula
K non-polymer 'POTASSIUM ION' 'K 1'
#
# COMPACT_ATOMS: atom_id res chain seq x y z
N ASP A 25 18.60 14.84 1.80
CA ASP A 25 18.66 14.02 0.58
C ASP A 25 17.87 12.75 0.76
N LEU A 26 16.68 12.72 0.15
CA LEU A 26 15.79 11.58 0.30
C LEU A 26 16.38 10.35 -0.39
N PRO A 27 16.11 9.17 0.13
CA PRO A 27 16.64 7.95 -0.47
C PRO A 27 15.91 7.59 -1.74
N ALA A 28 16.63 6.89 -2.61
CA ALA A 28 15.99 6.27 -3.77
C ALA A 28 15.06 5.16 -3.30
N PHE A 29 13.99 4.91 -4.07
CA PHE A 29 13.03 3.92 -3.64
C PHE A 29 12.26 3.40 -4.84
N TRP A 30 11.81 2.15 -4.72
CA TRP A 30 10.87 1.53 -5.64
C TRP A 30 9.48 1.57 -5.02
N THR A 31 8.45 1.52 -5.87
CA THR A 31 7.08 1.43 -5.38
C THR A 31 6.38 0.21 -5.95
N VAL A 32 5.62 -0.47 -5.09
CA VAL A 32 4.76 -1.58 -5.51
C VAL A 32 3.33 -1.24 -5.10
N ILE A 33 2.41 -1.30 -6.06
CA ILE A 33 0.99 -1.07 -5.82
C ILE A 33 0.27 -2.40 -6.05
N PRO A 34 -0.12 -3.13 -4.99
CA PRO A 34 -0.87 -4.37 -5.20
C PRO A 34 -2.31 -4.04 -5.58
N ALA A 35 -2.70 -4.47 -6.78
CA ALA A 35 -3.96 -4.04 -7.36
C ALA A 35 -4.64 -5.19 -8.10
N ALA A 36 -4.41 -6.40 -7.64
CA ALA A 36 -4.88 -7.59 -8.32
C ALA A 36 -6.15 -8.09 -7.64
N GLY A 37 -6.54 -9.33 -7.93
CA GLY A 37 -7.79 -9.80 -7.37
C GLY A 37 -9.01 -9.15 -7.98
N VAL A 38 -8.84 -8.50 -9.13
CA VAL A 38 -9.96 -8.02 -9.92
C VAL A 38 -10.45 -9.18 -10.78
N GLY A 39 -11.76 -9.34 -10.87
CA GLY A 39 -12.31 -10.38 -11.73
C GLY A 39 -11.88 -10.18 -13.18
N SER A 40 -12.22 -11.17 -14.00
CA SER A 40 -12.08 -10.97 -15.43
C SER A 40 -13.24 -10.19 -16.02
N ARG A 41 -14.31 -10.01 -15.25
CA ARG A 41 -15.51 -9.35 -15.72
C ARG A 41 -15.63 -7.95 -15.13
N MET A 42 -16.09 -7.02 -15.93
CA MET A 42 -16.59 -5.76 -15.38
C MET A 42 -17.87 -6.01 -14.61
N ARG A 43 -18.07 -5.22 -13.55
CA ARG A 43 -19.23 -5.38 -12.68
C ARG A 43 -19.81 -4.01 -12.39
N ALA A 44 -21.14 -3.96 -12.17
CA ALA A 44 -21.81 -2.69 -11.99
C ALA A 44 -21.32 -1.98 -10.74
N ASP A 45 -20.95 -2.75 -9.73
CA ASP A 45 -20.29 -2.27 -8.52
C ASP A 45 -18.80 -2.52 -8.76
N ARG A 46 -18.14 -1.51 -9.31
CA ARG A 46 -16.77 -1.67 -9.80
C ARG A 46 -15.80 -1.97 -8.65
N PRO A 47 -14.67 -2.61 -8.95
CA PRO A 47 -13.55 -2.60 -7.98
C PRO A 47 -13.23 -1.18 -7.57
N LYS A 48 -12.87 -1.01 -6.29
CA LYS A 48 -12.74 0.34 -5.76
C LYS A 48 -11.68 1.13 -6.51
N GLN A 49 -10.61 0.47 -6.95
CA GLN A 49 -9.53 1.15 -7.66
C GLN A 49 -9.97 1.70 -9.00
N TYR A 50 -11.14 1.31 -9.52
CA TYR A 50 -11.60 1.79 -10.81
C TYR A 50 -12.84 2.67 -10.70
N LEU A 51 -13.20 3.08 -9.49
CA LEU A 51 -14.26 4.07 -9.30
C LEU A 51 -13.79 5.45 -9.76
N ASP A 52 -14.75 6.28 -10.17
CA ASP A 52 -14.43 7.63 -10.58
C ASP A 52 -14.28 8.53 -9.37
N LEU A 53 -13.15 9.24 -9.31
CA LEU A 53 -12.84 10.21 -8.27
C LEU A 53 -12.55 11.52 -8.98
N ALA A 54 -13.53 12.42 -9.00
CA ALA A 54 -13.40 13.73 -9.61
C ALA A 54 -12.85 13.62 -11.05
N GLY A 55 -13.39 12.67 -11.80
CA GLY A 55 -13.10 12.60 -13.22
C GLY A 55 -12.01 11.64 -13.65
N ARG A 56 -11.29 11.02 -12.72
CA ARG A 56 -10.30 10.02 -13.07
C ARG A 56 -10.46 8.83 -12.13
N THR A 57 -9.94 7.67 -12.52
CA THR A 57 -10.07 6.52 -11.64
C THR A 57 -9.22 6.71 -10.40
N VAL A 58 -9.68 6.07 -9.33
CA VAL A 58 -8.95 6.04 -8.07
C VAL A 58 -7.50 5.63 -8.30
N ILE A 59 -7.26 4.54 -9.03
CA ILE A 59 -5.90 4.05 -9.17
C ILE A 59 -5.04 5.02 -9.96
N GLU A 60 -5.60 5.68 -10.98
CA GLU A 60 -4.81 6.70 -11.68
C GLU A 60 -4.33 7.77 -10.70
N ARG A 61 -5.22 8.22 -9.81
CA ARG A 61 -4.81 9.22 -8.82
C ARG A 61 -3.79 8.66 -7.86
N THR A 62 -3.95 7.39 -7.44
CA THR A 62 -2.94 6.79 -6.59
C THR A 62 -1.56 6.83 -7.23
N LEU A 63 -1.48 6.45 -8.52
CA LEU A 63 -0.20 6.44 -9.20
C LEU A 63 0.41 7.84 -9.26
N ASP A 64 -0.43 8.86 -9.46
CA ASP A 64 0.02 10.26 -9.47
C ASP A 64 0.78 10.64 -8.21
N CYS A 65 0.51 9.98 -7.09
CA CYS A 65 1.21 10.29 -5.84
C CYS A 65 2.68 9.89 -5.87
N PHE A 66 3.11 9.06 -6.82
CA PHE A 66 4.47 8.56 -6.88
C PHE A 66 5.22 8.92 -8.15
N LEU A 67 4.54 8.97 -9.30
CA LEU A 67 5.22 8.82 -10.58
C LEU A 67 6.27 9.89 -10.84
N GLU A 68 6.03 11.12 -10.40
CA GLU A 68 6.98 12.18 -10.65
C GLU A 68 7.93 12.43 -9.49
N HIS A 69 7.99 11.55 -8.49
CA HIS A 69 8.95 11.77 -7.42
C HIS A 69 10.37 11.61 -7.96
N PRO A 70 11.26 12.58 -7.72
CA PRO A 70 12.62 12.48 -8.30
C PRO A 70 13.43 11.30 -7.79
N MET A 71 13.08 10.70 -6.65
CA MET A 71 13.84 9.56 -6.18
C MET A 71 13.21 8.22 -6.55
N LEU A 72 12.09 8.23 -7.28
CA LEU A 72 11.46 6.99 -7.69
C LEU A 72 12.31 6.28 -8.74
N ARG A 73 12.76 5.06 -8.40
CA ARG A 73 13.51 4.22 -9.32
C ARG A 73 12.61 3.52 -10.32
N GLY A 74 11.41 3.15 -9.89
CA GLY A 74 10.48 2.43 -10.71
C GLY A 74 9.25 2.06 -9.91
N LEU A 75 8.11 1.95 -10.58
CA LEU A 75 6.84 1.63 -9.95
C LEU A 75 6.21 0.44 -10.65
N VAL A 76 5.80 -0.56 -9.87
CA VAL A 76 5.19 -1.77 -10.38
C VAL A 76 3.78 -1.87 -9.81
N VAL A 77 2.80 -2.07 -10.69
CA VAL A 77 1.41 -2.35 -10.32
C VAL A 77 1.17 -3.84 -10.51
N CYS A 78 0.67 -4.50 -9.47
CA CYS A 78 0.38 -5.93 -9.53
C CYS A 78 -1.07 -6.10 -9.92
N LEU A 79 -1.32 -6.77 -11.03
CA LEU A 79 -2.64 -6.79 -11.66
C LEU A 79 -2.99 -8.21 -12.05
N ALA A 80 -4.29 -8.50 -12.05
CA ALA A 80 -4.75 -9.73 -12.68
C ALA A 80 -4.40 -9.68 -14.16
N GLU A 81 -3.92 -10.81 -14.69
CA GLU A 81 -3.49 -10.81 -16.09
C GLU A 81 -4.65 -10.53 -17.06
N ASP A 82 -5.89 -10.75 -16.61
CA ASP A 82 -7.08 -10.53 -17.43
C ASP A 82 -7.92 -9.35 -16.93
N ASP A 83 -7.35 -8.48 -16.11
CA ASP A 83 -8.02 -7.28 -15.62
C ASP A 83 -8.68 -6.54 -16.79
N PRO A 84 -10.01 -6.38 -16.78
CA PRO A 84 -10.69 -5.76 -17.93
C PRO A 84 -10.73 -4.24 -17.92
N TYR A 85 -10.39 -3.59 -16.80
CA TYR A 85 -10.45 -2.14 -16.70
C TYR A 85 -9.10 -1.50 -17.02
N TRP A 86 -8.03 -2.09 -16.50
CA TRP A 86 -6.70 -1.55 -16.71
C TRP A 86 -6.37 -1.21 -18.16
N PRO A 87 -6.62 -2.05 -19.16
N PRO A 87 -6.63 -2.04 -19.16
CA PRO A 87 -6.19 -1.72 -20.53
CA PRO A 87 -6.18 -1.72 -20.53
C PRO A 87 -6.78 -0.43 -21.08
C PRO A 87 -6.81 -0.47 -21.12
N GLY A 88 -7.88 0.05 -20.51
CA GLY A 88 -8.49 1.29 -20.98
C GLY A 88 -7.94 2.57 -20.40
N LEU A 89 -7.02 2.46 -19.43
CA LEU A 89 -6.46 3.61 -18.74
C LEU A 89 -5.16 4.02 -19.40
N ASP A 90 -4.87 5.34 -19.41
CA ASP A 90 -3.62 5.73 -20.06
C ASP A 90 -2.40 5.21 -19.30
N CYS A 91 -2.53 4.91 -18.01
N CYS A 91 -2.54 4.91 -18.01
CA CYS A 91 -1.37 4.35 -17.32
CA CYS A 91 -1.44 4.31 -17.25
C CYS A 91 -1.04 2.93 -17.78
C CYS A 91 -1.01 2.98 -17.85
N ALA A 92 -1.93 2.29 -18.53
CA ALA A 92 -1.62 1.02 -19.15
C ALA A 92 -0.71 1.13 -20.35
N ALA A 93 -0.53 2.34 -20.90
CA ALA A 93 0.37 2.58 -22.00
C ALA A 93 1.44 3.58 -21.59
N SER A 94 1.98 3.44 -20.39
CA SER A 94 3.01 4.35 -19.89
C SER A 94 4.32 3.61 -19.66
N ARG A 95 5.41 4.16 -20.21
CA ARG A 95 6.76 3.69 -19.92
C ARG A 95 7.12 3.84 -18.45
N HIS A 96 6.39 4.65 -17.70
CA HIS A 96 6.71 4.90 -16.31
C HIS A 96 5.99 3.94 -15.36
N VAL A 97 5.15 3.03 -15.88
CA VAL A 97 4.36 2.14 -15.04
C VAL A 97 4.65 0.71 -15.50
N GLN A 98 5.24 -0.08 -14.60
N GLN A 98 5.27 -0.08 -14.63
CA GLN A 98 5.53 -1.47 -14.86
CA GLN A 98 5.50 -1.48 -14.96
C GLN A 98 4.43 -2.35 -14.26
C GLN A 98 4.46 -2.34 -14.27
N ARG A 99 4.39 -3.60 -14.70
CA ARG A 99 3.32 -4.50 -14.34
C ARG A 99 3.88 -5.83 -13.83
N ALA A 100 3.22 -6.40 -12.83
CA ALA A 100 3.53 -7.74 -12.36
C ALA A 100 2.22 -8.49 -12.18
N ALA A 101 2.32 -9.81 -12.21
CA ALA A 101 1.14 -10.66 -12.08
C ALA A 101 0.66 -10.71 -10.64
N GLY A 102 -0.65 -10.71 -10.47
CA GLY A 102 -1.20 -10.85 -9.14
C GLY A 102 -0.96 -12.23 -8.58
N GLY A 103 -1.03 -12.32 -7.25
CA GLY A 103 -0.92 -13.58 -6.54
C GLY A 103 -2.24 -14.03 -5.97
N ALA A 104 -2.16 -15.11 -5.18
CA ALA A 104 -3.36 -15.64 -4.54
C ALA A 104 -3.90 -14.73 -3.44
N GLU A 105 -3.05 -13.85 -2.89
CA GLU A 105 -3.46 -12.83 -1.94
C GLU A 105 -2.44 -11.71 -2.00
N ARG A 106 -2.65 -10.68 -1.16
CA ARG A 106 -1.81 -9.48 -1.22
C ARG A 106 -0.33 -9.82 -1.10
N ALA A 107 0.02 -10.71 -0.18
CA ALA A 107 1.42 -11.03 0.01
C ALA A 107 2.04 -11.64 -1.25
N GLY A 108 1.32 -12.56 -1.89
CA GLY A 108 1.86 -13.17 -3.11
C GLY A 108 1.94 -12.17 -4.25
N SER A 109 0.98 -11.25 -4.32
CA SER A 109 1.05 -10.18 -5.30
C SER A 109 2.26 -9.28 -5.04
N VAL A 110 2.47 -8.90 -3.79
CA VAL A 110 3.64 -8.10 -3.47
C VAL A 110 4.93 -8.85 -3.80
N LEU A 111 4.99 -10.15 -3.44
CA LEU A 111 6.15 -10.96 -3.79
C LEU A 111 6.43 -10.94 -5.29
N ASN A 112 5.38 -11.11 -6.11
CA ASN A 112 5.57 -10.98 -7.56
C ASN A 112 6.05 -9.58 -7.91
N GLY A 113 5.55 -8.57 -7.21
CA GLY A 113 6.04 -7.22 -7.42
C GLY A 113 7.53 -7.10 -7.16
N LEU A 114 8.01 -7.71 -6.06
CA LEU A 114 9.44 -7.63 -5.75
C LEU A 114 10.28 -8.34 -6.80
N LEU A 115 9.83 -9.50 -7.28
CA LEU A 115 10.52 -10.18 -8.38
C LEU A 115 10.61 -9.28 -9.61
N ARG A 116 9.54 -8.55 -9.91
CA ARG A 116 9.57 -7.63 -11.03
C ARG A 116 10.60 -6.53 -10.80
N LEU A 117 10.64 -5.98 -9.59
CA LEU A 117 11.64 -4.96 -9.28
C LEU A 117 13.06 -5.47 -9.51
N LEU A 118 13.32 -6.73 -9.15
CA LEU A 118 14.65 -7.29 -9.39
C LEU A 118 14.97 -7.36 -10.88
N GLU A 119 13.96 -7.69 -11.71
CA GLU A 119 14.17 -7.66 -13.16
C GLU A 119 14.53 -6.27 -13.64
N LEU A 120 13.94 -5.24 -13.03
CA LEU A 120 14.22 -3.85 -13.38
C LEU A 120 15.54 -3.35 -12.83
N GLY A 121 16.28 -4.20 -12.12
CA GLY A 121 17.58 -3.85 -11.60
C GLY A 121 17.63 -3.52 -10.13
N ALA A 122 16.55 -3.76 -9.39
CA ALA A 122 16.57 -3.45 -7.96
C ALA A 122 17.59 -4.31 -7.23
N GLN A 123 18.13 -3.77 -6.15
CA GLN A 123 19.08 -4.47 -5.30
C GLN A 123 18.39 -4.86 -4.00
N ALA A 124 18.94 -5.89 -3.34
CA ALA A 124 18.33 -6.39 -2.11
C ALA A 124 18.25 -5.32 -1.02
N ASP A 125 19.17 -4.36 -1.02
CA ASP A 125 19.18 -3.34 0.02
C ASP A 125 18.42 -2.08 -0.39
N ASP A 126 17.73 -2.08 -1.52
CA ASP A 126 16.94 -0.93 -1.94
C ASP A 126 15.65 -0.82 -1.13
N TRP A 127 15.25 0.41 -0.85
CA TRP A 127 13.96 0.64 -0.21
C TRP A 127 12.83 0.35 -1.19
N VAL A 128 11.79 -0.32 -0.68
CA VAL A 128 10.56 -0.56 -1.41
C VAL A 128 9.42 0.03 -0.59
N LEU A 129 8.58 0.82 -1.24
CA LEU A 129 7.33 1.30 -0.66
C LEU A 129 6.19 0.52 -1.28
N VAL A 130 5.39 -0.12 -0.43
CA VAL A 130 4.15 -0.78 -0.86
C VAL A 130 2.98 0.08 -0.42
N HIS A 131 2.06 0.37 -1.36
CA HIS A 131 1.00 1.31 -1.08
C HIS A 131 -0.33 0.79 -1.62
N ASP A 132 -1.40 1.02 -0.87
CA ASP A 132 -2.73 0.55 -1.27
C ASP A 132 -3.19 1.21 -2.56
N ALA A 133 -3.74 0.39 -3.47
CA ALA A 133 -4.26 0.93 -4.73
C ALA A 133 -5.37 1.93 -4.48
N ALA A 134 -6.15 1.74 -3.41
CA ALA A 134 -7.31 2.59 -3.14
C ALA A 134 -7.01 3.66 -2.10
N ARG A 135 -5.74 4.11 -1.98
CA ARG A 135 -5.41 5.29 -1.18
C ARG A 135 -4.92 6.38 -2.11
N PRO A 136 -5.82 7.09 -2.78
CA PRO A 136 -5.41 8.04 -3.80
C PRO A 136 -5.05 9.42 -3.29
N ASN A 137 -5.21 9.67 -1.99
CA ASN A 137 -5.03 11.00 -1.42
C ASN A 137 -3.73 11.12 -0.61
N LEU A 138 -2.73 10.31 -0.94
CA LEU A 138 -1.40 10.46 -0.33
C LEU A 138 -0.73 11.74 -0.79
N THR A 139 -0.31 12.56 0.16
CA THR A 139 0.33 13.83 -0.18
C THR A 139 1.84 13.65 -0.29
N ARG A 140 2.44 14.54 -1.09
CA ARG A 140 3.88 14.56 -1.23
C ARG A 140 4.56 14.80 0.11
N GLY A 141 3.94 15.62 0.97
CA GLY A 141 4.52 15.86 2.29
C GLY A 141 4.62 14.60 3.12
N ASP A 142 3.57 13.77 3.10
CA ASP A 142 3.62 12.52 3.86
C ASP A 142 4.60 11.55 3.23
N LEU A 143 4.61 11.46 1.90
CA LEU A 143 5.57 10.60 1.21
C LEU A 143 7.00 10.99 1.57
N ASP A 144 7.35 12.28 1.46
CA ASP A 144 8.69 12.73 1.81
C ASP A 144 9.00 12.52 3.29
N ARG A 145 8.00 12.71 4.16
CA ARG A 145 8.21 12.48 5.59
C ARG A 145 8.60 11.02 5.86
N LEU A 146 7.87 10.09 5.24
CA LEU A 146 8.19 8.67 5.40
C LEU A 146 9.61 8.36 4.93
N LEU A 147 9.96 8.87 3.74
CA LEU A 147 11.27 8.61 3.17
C LEU A 147 12.37 9.18 4.05
N GLU A 148 12.19 10.40 4.55
CA GLU A 148 13.27 11.01 5.31
C GLU A 148 13.39 10.43 6.71
N GLU A 149 12.27 10.06 7.33
CA GLU A 149 12.37 9.55 8.70
C GLU A 149 12.88 8.12 8.74
N LEU A 150 12.79 7.38 7.65
CA LEU A 150 13.19 5.97 7.64
C LEU A 150 14.46 5.70 6.85
N ALA A 151 15.03 6.71 6.19
CA ALA A 151 16.14 6.46 5.28
C ALA A 151 17.30 5.75 5.96
N GLU A 152 17.52 6.01 7.24
CA GLU A 152 18.60 5.37 7.99
C GLU A 152 18.10 4.41 9.05
N ASP A 153 16.82 4.05 9.01
CA ASP A 153 16.26 3.15 9.99
C ASP A 153 16.77 1.73 9.78
N PRO A 154 16.97 0.96 10.86
CA PRO A 154 17.43 -0.43 10.71
C PRO A 154 16.44 -1.35 10.01
N VAL A 155 15.14 -1.01 9.99
CA VAL A 155 14.09 -1.90 9.51
C VAL A 155 13.24 -1.24 8.42
N GLY A 156 12.84 -0.01 8.66
CA GLY A 156 11.77 0.61 7.89
C GLY A 156 10.55 0.86 8.77
N GLY A 157 9.41 1.06 8.11
CA GLY A 157 8.25 1.44 8.89
C GLY A 157 7.09 1.80 7.98
N LEU A 158 6.17 2.60 8.52
CA LEU A 158 4.91 2.80 7.82
C LEU A 158 4.31 4.13 8.26
N LEU A 159 3.52 4.72 7.37
CA LEU A 159 2.67 5.81 7.80
C LEU A 159 1.57 5.28 8.70
N ALA A 160 1.21 6.09 9.69
CA ALA A 160 0.19 5.69 10.65
C ALA A 160 -0.39 6.96 11.27
N VAL A 161 -1.60 6.84 11.80
CA VAL A 161 -2.25 7.98 12.44
C VAL A 161 -2.74 7.62 13.83
N PRO A 162 -2.74 8.55 14.78
CA PRO A 162 -3.17 8.23 16.13
C PRO A 162 -4.64 7.86 16.16
N ALA A 163 -4.97 6.85 16.97
CA ALA A 163 -6.36 6.47 17.09
C ALA A 163 -7.13 7.55 17.84
N ARG A 164 -8.21 8.04 17.24
CA ARG A 164 -8.99 9.10 17.84
C ARG A 164 -10.31 8.63 18.41
N ASP A 165 -10.83 7.50 17.96
CA ASP A 165 -12.07 7.00 18.51
C ASP A 165 -11.80 6.32 19.85
N THR A 166 -12.81 6.35 20.71
CA THR A 166 -12.73 5.58 21.95
C THR A 166 -12.82 4.10 21.64
N LEU A 167 -11.86 3.35 22.15
CA LEU A 167 -11.67 1.93 21.83
C LEU A 167 -11.99 1.12 23.07
N LYS A 168 -12.97 0.22 22.96
CA LYS A 168 -13.33 -0.67 24.05
C LYS A 168 -12.90 -2.09 23.73
N ARG A 169 -12.38 -2.80 24.73
CA ARG A 169 -12.13 -4.23 24.60
C ARG A 169 -13.34 -4.96 25.14
N SER A 170 -13.81 -5.96 24.39
CA SER A 170 -14.93 -6.79 24.81
C SER A 170 -14.43 -7.99 25.59
N ASP A 171 -15.19 -8.39 26.61
CA ASP A 171 -14.92 -9.66 27.24
C ASP A 171 -15.66 -10.77 26.48
N ARG A 172 -15.62 -11.97 27.04
CA ARG A 172 -16.18 -13.12 26.35
C ARG A 172 -17.69 -12.99 26.13
N ASP A 173 -18.37 -12.23 26.99
CA ASP A 173 -19.82 -12.07 26.94
C ASP A 173 -20.27 -10.77 26.29
N GLY A 174 -19.37 -10.05 25.63
CA GLY A 174 -19.75 -8.83 24.95
C GLY A 174 -19.93 -7.62 25.85
N ARG A 175 -19.39 -7.65 27.06
CA ARG A 175 -19.37 -6.48 27.93
C ARG A 175 -17.99 -5.85 27.90
N VAL A 176 -17.93 -4.55 28.19
CA VAL A 176 -16.63 -3.87 28.16
C VAL A 176 -15.77 -4.42 29.28
N SER A 177 -14.55 -4.88 28.93
CA SER A 177 -13.58 -5.29 29.92
C SER A 177 -12.59 -4.19 30.26
N GLU A 178 -12.27 -3.34 29.29
CA GLU A 178 -11.50 -2.12 29.55
C GLU A 178 -11.68 -1.18 28.39
N THR A 179 -11.45 0.09 28.65
CA THR A 179 -11.25 1.07 27.59
C THR A 179 -9.75 1.13 27.32
N ILE A 180 -9.37 0.85 26.08
CA ILE A 180 -7.96 0.79 25.72
C ILE A 180 -7.36 2.18 25.79
N ASP A 181 -6.13 2.26 26.30
CA ASP A 181 -5.38 3.52 26.28
C ASP A 181 -5.00 3.84 24.84
N ARG A 182 -5.72 4.76 24.21
CA ARG A 182 -5.49 4.94 22.79
C ARG A 182 -4.33 5.86 22.50
N SER A 183 -3.73 6.46 23.53
CA SER A 183 -2.59 7.33 23.31
C SER A 183 -1.34 6.57 22.87
N VAL A 184 -1.36 5.24 22.90
CA VAL A 184 -0.29 4.42 22.35
C VAL A 184 -0.75 3.63 21.13
N VAL A 185 -1.95 3.89 20.65
CA VAL A 185 -2.56 3.09 19.59
C VAL A 185 -2.58 3.90 18.31
N TRP A 186 -2.17 3.27 17.22
CA TRP A 186 -2.06 3.92 15.92
C TRP A 186 -2.79 3.10 14.88
N LEU A 187 -3.43 3.78 13.94
CA LEU A 187 -4.04 3.11 12.79
C LEU A 187 -2.98 2.97 11.70
N ALA A 188 -2.81 1.75 11.19
CA ALA A 188 -1.79 1.48 10.19
C ALA A 188 -2.26 1.97 8.83
N TYR A 189 -1.52 2.89 8.23
CA TYR A 189 -1.77 3.35 6.87
C TYR A 189 -0.67 2.81 5.95
N THR A 190 -0.67 3.29 4.72
CA THR A 190 0.39 3.03 3.76
C THR A 190 0.79 4.36 3.15
N PRO A 191 2.01 4.47 2.56
CA PRO A 191 2.94 3.37 2.26
C PRO A 191 3.59 2.76 3.47
N GLN A 192 4.07 1.55 3.25
CA GLN A 192 4.94 0.86 4.19
C GLN A 192 6.26 0.63 3.49
N MET A 193 7.35 0.97 4.17
CA MET A 193 8.67 1.10 3.56
C MET A 193 9.62 0.10 4.21
N PHE A 194 10.13 -0.85 3.43
CA PHE A 194 11.06 -1.87 3.93
C PHE A 194 12.09 -2.16 2.86
N ARG A 195 13.22 -2.74 3.25
CA ARG A 195 14.22 -3.10 2.25
C ARG A 195 13.79 -4.34 1.49
N LEU A 196 14.10 -4.35 0.18
CA LEU A 196 13.58 -5.38 -0.73
C LEU A 196 13.86 -6.80 -0.22
N GLY A 197 15.13 -7.14 0.03
CA GLY A 197 15.46 -8.50 0.40
C GLY A 197 14.80 -8.94 1.69
N ALA A 198 14.84 -8.06 2.70
CA ALA A 198 14.24 -8.37 3.99
C ALA A 198 12.75 -8.60 3.85
N LEU A 199 12.08 -7.74 3.09
CA LEU A 199 10.64 -7.89 2.92
C LEU A 199 10.31 -9.16 2.15
N HIS A 200 11.11 -9.47 1.12
CA HIS A 200 10.90 -10.71 0.38
C HIS A 200 11.00 -11.91 1.29
N ARG A 201 12.05 -11.97 2.10
CA ARG A 201 12.22 -13.10 3.01
C ARG A 201 11.03 -13.21 3.97
N ALA A 202 10.64 -12.09 4.58
CA ALA A 202 9.56 -12.11 5.55
C ALA A 202 8.24 -12.56 4.92
N LEU A 203 7.90 -12.00 3.77
CA LEU A 203 6.63 -12.36 3.14
C LEU A 203 6.63 -13.83 2.74
N ALA A 204 7.69 -14.28 2.07
CA ALA A 204 7.73 -15.66 1.62
C ALA A 204 7.67 -16.62 2.79
N ASP A 205 8.43 -16.35 3.85
CA ASP A 205 8.44 -17.26 5.01
C ASP A 205 7.09 -17.23 5.73
N ALA A 206 6.50 -16.04 5.87
CA ALA A 206 5.21 -15.94 6.56
C ALA A 206 4.12 -16.72 5.82
N LEU A 207 4.16 -16.70 4.49
CA LEU A 207 3.20 -17.49 3.72
C LEU A 207 3.37 -18.99 3.99
N VAL A 208 4.60 -19.49 3.86
CA VAL A 208 4.89 -20.89 4.15
C VAL A 208 4.44 -21.24 5.58
N ALA A 209 4.74 -20.35 6.53
CA ALA A 209 4.40 -20.57 7.93
C ALA A 209 2.91 -20.59 8.19
N GLY A 210 2.09 -20.07 7.27
CA GLY A 210 0.67 -19.99 7.48
C GLY A 210 0.21 -18.79 8.27
N VAL A 211 0.99 -17.71 8.26
CA VAL A 211 0.62 -16.53 9.03
C VAL A 211 -0.51 -15.80 8.32
N ALA A 212 -1.43 -15.24 9.11
CA ALA A 212 -2.50 -14.40 8.59
C ALA A 212 -1.92 -13.00 8.35
N ILE A 213 -1.24 -12.87 7.23
CA ILE A 213 -0.64 -11.58 6.83
C ILE A 213 -1.76 -10.61 6.49
N THR A 214 -1.69 -9.40 7.06
CA THR A 214 -2.52 -8.32 6.58
C THR A 214 -1.68 -7.41 5.68
N ASP A 215 -0.91 -6.51 6.26
CA ASP A 215 -0.07 -5.64 5.47
C ASP A 215 1.38 -6.13 5.53
N GLU A 216 2.28 -5.39 4.89
CA GLU A 216 3.70 -5.74 4.90
C GLU A 216 4.27 -5.67 6.31
N ALA A 217 3.83 -4.69 7.10
CA ALA A 217 4.28 -4.58 8.48
C ALA A 217 3.97 -5.85 9.25
N SER A 218 2.83 -6.49 8.96
CA SER A 218 2.46 -7.68 9.72
C SER A 218 3.45 -8.81 9.46
N ALA A 219 3.96 -8.91 8.23
CA ALA A 219 4.96 -9.92 7.88
C ALA A 219 6.29 -9.61 8.54
N MET A 220 6.70 -8.33 8.51
CA MET A 220 7.95 -7.95 9.16
C MET A 220 7.90 -8.17 10.66
N GLU A 221 6.75 -7.87 11.27
CA GLU A 221 6.58 -8.10 12.71
C GLU A 221 6.58 -9.59 13.04
N TRP A 222 5.96 -10.40 12.18
CA TRP A 222 6.02 -11.85 12.40
C TRP A 222 7.46 -12.35 12.35
N ALA A 223 8.26 -11.80 11.44
CA ALA A 223 9.68 -12.10 11.32
C ALA A 223 10.50 -11.56 12.48
N GLY A 224 9.90 -10.82 13.41
CA GLY A 224 10.60 -10.37 14.61
C GLY A 224 10.87 -8.89 14.67
N TYR A 225 10.71 -8.17 13.55
CA TYR A 225 11.20 -6.81 13.49
C TYR A 225 10.13 -5.84 13.98
N ALA A 226 10.58 -4.72 14.52
CA ALA A 226 9.67 -3.67 14.99
C ALA A 226 9.70 -2.51 14.02
N PRO A 227 8.73 -2.38 13.11
CA PRO A 227 8.70 -1.23 12.21
C PRO A 227 8.54 0.07 12.97
N LYS A 228 9.07 1.15 12.40
CA LYS A 228 8.94 2.48 12.96
C LYS A 228 7.66 3.12 12.47
N LEU A 229 6.91 3.72 13.38
CA LEU A 229 5.70 4.44 13.02
C LEU A 229 6.09 5.86 12.62
N VAL A 230 5.57 6.30 11.48
CA VAL A 230 5.76 7.66 11.00
C VAL A 230 4.38 8.30 10.90
N GLU A 231 4.17 9.41 11.59
CA GLU A 231 2.85 10.02 11.60
C GLU A 231 2.52 10.66 10.27
N GLY A 232 1.36 10.29 9.71
CA GLY A 232 0.86 10.88 8.48
C GLY A 232 -0.46 11.59 8.72
N ARG A 233 -1.03 12.07 7.61
CA ARG A 233 -2.32 12.73 7.64
C ARG A 233 -3.46 11.72 7.73
N ALA A 234 -4.50 12.06 8.50
CA ALA A 234 -5.64 11.15 8.63
C ALA A 234 -6.44 11.06 7.33
N ASP A 235 -6.38 12.09 6.48
CA ASP A 235 -7.20 12.02 5.28
C ASP A 235 -6.55 11.26 4.14
N ASN A 236 -5.44 10.55 4.39
CA ASN A 236 -4.87 9.60 3.44
C ASN A 236 -5.70 8.31 3.50
N LEU A 237 -6.99 8.43 3.24
CA LEU A 237 -7.89 7.35 3.59
C LEU A 237 -7.97 6.33 2.47
N LYS A 238 -8.36 5.12 2.85
N LYS A 238 -8.37 5.11 2.84
CA LYS A 238 -8.56 4.02 1.91
CA LYS A 238 -8.55 4.02 1.90
C LYS A 238 -10.03 3.99 1.51
C LYS A 238 -10.01 3.93 1.52
N ILE A 239 -10.28 3.89 0.21
CA ILE A 239 -11.66 3.81 -0.28
C ILE A 239 -12.12 2.35 -0.15
N THR A 240 -13.01 2.10 0.81
CA THR A 240 -13.50 0.74 1.07
C THR A 240 -14.98 0.60 0.81
N THR A 241 -15.73 1.68 0.88
CA THR A 241 -17.12 1.76 0.47
C THR A 241 -17.23 2.83 -0.61
N PRO A 242 -18.07 2.64 -1.65
CA PRO A 242 -18.25 3.72 -2.63
C PRO A 242 -18.66 5.02 -1.95
N GLU A 243 -19.10 4.90 -0.70
CA GLU A 243 -19.41 6.07 0.11
C GLU A 243 -18.15 6.79 0.61
N ASP A 244 -17.08 6.05 0.96
CA ASP A 244 -15.78 6.68 1.26
C ASP A 244 -15.37 7.62 0.15
N LEU A 245 -15.77 7.31 -1.08
CA LEU A 245 -15.46 8.15 -2.23
C LEU A 245 -15.97 9.57 -2.02
N LEU A 246 -17.16 9.70 -1.43
CA LEU A 246 -17.72 11.03 -1.17
C LEU A 246 -16.77 11.91 -0.36
N ARG A 247 -16.06 11.32 0.62
CA ARG A 247 -15.17 12.11 1.47
C ARG A 247 -14.05 12.77 0.67
N LEU A 248 -13.65 12.18 -0.44
CA LEU A 248 -12.50 12.66 -1.21
C LEU A 248 -12.89 13.42 -2.47
N GLN A 249 -14.18 13.56 -2.76
CA GLN A 249 -14.58 14.12 -4.05
C GLN A 249 -14.18 15.59 -4.19
N ARG A 250 -13.91 16.29 -3.10
CA ARG A 250 -13.45 17.67 -3.14
C ARG A 250 -11.97 17.82 -2.84
N SER A 251 -11.21 16.72 -2.88
CA SER A 251 -9.81 16.77 -2.50
C SER A 251 -8.85 17.02 -3.66
N PHE A 252 -9.36 17.17 -4.88
CA PHE A 252 -8.49 17.28 -6.04
C PHE A 252 -8.84 18.49 -6.92
K K B . -3.50 -7.50 -4.56
#